data_2WT9
#
_entry.id   2WT9
#
_cell.length_a   46.640
_cell.length_b   46.890
_cell.length_c   59.480
_cell.angle_alpha   113.19
_cell.angle_beta   88.25
_cell.angle_gamma   115.61
#
_symmetry.space_group_name_H-M   'P 1'
#
loop_
_entity.id
_entity.type
_entity.pdbx_description
1 polymer NICOTINAMIDASE
2 non-polymer 'ZINC ION'
3 non-polymer GLYCEROL
4 non-polymer 'NICOTINIC ACID'
5 water water
#
_entity_poly.entity_id   1
_entity_poly.type   'polypeptide(L)'
_entity_poly.pdbx_seq_one_letter_code
;MGSSHHHHHHSSGENLYFQGHMKMNKQPQNSALVVVDVQNGFTPGGNLAVADADTIIPTINQLAGCFENVVLTQDWHPDN
HISFAANHPGKQPFETIELDYGSQVLWPKHCIQGTHDAEFHPDLNIPTAQLIIRKGFHAHIDSYSAFMEADHTTMTGLTG
YLKERGIDTVYVVGIATDFCVAWTALDAVKQGFKTLVIEDACKGIDLNGSLEQAWQTMQQQGVVRIQSTDLLNEC
;
_entity_poly.pdbx_strand_id   A,B
#
loop_
_chem_comp.id
_chem_comp.type
_chem_comp.name
_chem_comp.formula
GOL non-polymer GLYCEROL 'C3 H8 O3'
NIO non-polymer 'NICOTINIC ACID' 'C6 H5 N O2'
ZN non-polymer 'ZINC ION' 'Zn 2'
#
# COMPACT_ATOMS: atom_id res chain seq x y z
N LYS A 26 -18.42 9.91 -4.48
CA LYS A 26 -19.88 9.68 -4.75
C LYS A 26 -20.22 8.31 -5.39
N GLN A 27 -19.23 7.52 -5.82
CA GLN A 27 -19.46 6.08 -5.94
C GLN A 27 -19.71 5.59 -4.52
N PRO A 28 -20.55 4.55 -4.33
CA PRO A 28 -20.76 4.04 -2.96
C PRO A 28 -19.49 3.37 -2.35
N GLN A 29 -19.53 3.04 -1.06
CA GLN A 29 -18.36 2.52 -0.33
C GLN A 29 -17.94 1.15 -0.80
N ASN A 30 -18.83 0.44 -1.49
CA ASN A 30 -18.53 -0.93 -1.92
C ASN A 30 -17.78 -0.96 -3.25
N SER A 31 -17.41 0.19 -3.78
CA SER A 31 -16.69 0.27 -5.06
C SER A 31 -15.33 0.95 -4.86
N ALA A 32 -14.35 0.55 -5.65
CA ALA A 32 -12.98 1.08 -5.53
C ALA A 32 -12.46 1.34 -6.94
N LEU A 33 -11.61 2.34 -7.08
CA LEU A 33 -10.83 2.62 -8.26
C LEU A 33 -9.41 2.05 -8.03
N VAL A 34 -9.04 1.20 -8.94
CA VAL A 34 -7.67 0.63 -8.98
C VAL A 34 -6.85 1.28 -10.11
N VAL A 35 -5.81 2.03 -9.73
CA VAL A 35 -4.97 2.81 -10.63
C VAL A 35 -3.68 2.06 -10.84
N VAL A 36 -3.57 1.43 -11.99
CA VAL A 36 -2.45 0.54 -12.37
C VAL A 36 -1.25 1.23 -13.04
N ASP A 37 -0.14 1.20 -12.30
CA ASP A 37 1.19 1.55 -12.81
C ASP A 37 1.29 2.87 -13.62
N VAL A 38 0.76 3.94 -13.05
CA VAL A 38 0.97 5.24 -13.59
C VAL A 38 2.34 5.79 -13.14
N GLN A 39 3.36 5.18 -13.71
CA GLN A 39 4.75 5.34 -13.34
C GLN A 39 5.61 5.98 -14.46
N ASN A 40 6.67 6.63 -14.05
CA ASN A 40 7.64 7.21 -14.99
C ASN A 40 8.04 6.17 -16.05
N GLY A 41 8.21 4.93 -15.63
CA GLY A 41 8.70 3.91 -16.52
C GLY A 41 7.85 3.58 -17.74
N PHE A 42 6.53 3.73 -17.61
CA PHE A 42 5.58 3.35 -18.65
C PHE A 42 5.07 4.58 -19.39
N THR A 43 5.61 5.76 -19.05
CA THR A 43 5.14 6.98 -19.72
C THR A 43 6.34 7.56 -20.52
N PRO A 44 6.03 8.42 -21.50
CA PRO A 44 7.01 9.09 -22.34
C PRO A 44 8.11 9.66 -21.46
N GLY A 45 9.34 9.23 -21.70
CA GLY A 45 10.52 9.60 -20.92
C GLY A 45 11.11 8.35 -20.25
N GLY A 46 10.23 7.38 -19.98
CA GLY A 46 10.64 6.15 -19.25
C GLY A 46 11.30 5.06 -20.05
N ASN A 47 11.69 4.04 -19.31
N ASN A 47 11.82 4.00 -19.41
CA ASN A 47 12.46 2.96 -19.83
CA ASN A 47 12.53 2.95 -20.17
C ASN A 47 11.58 2.08 -20.72
C ASN A 47 11.58 1.90 -20.71
N LEU A 48 10.27 2.04 -20.47
CA LEU A 48 9.30 1.22 -21.22
C LEU A 48 8.11 2.11 -21.56
N ALA A 49 8.40 3.17 -22.28
CA ALA A 49 7.49 4.26 -22.50
C ALA A 49 6.40 3.85 -23.48
N VAL A 50 5.14 4.02 -23.06
CA VAL A 50 4.01 3.73 -23.91
C VAL A 50 3.52 5.12 -24.45
N ALA A 51 3.53 5.28 -25.78
CA ALA A 51 3.27 6.58 -26.40
C ALA A 51 1.93 7.13 -25.89
N ASP A 52 1.91 8.41 -25.53
CA ASP A 52 0.67 9.15 -25.16
C ASP A 52 0.09 8.74 -23.82
N ALA A 53 0.80 7.88 -23.12
CA ALA A 53 0.26 7.32 -21.92
C ALA A 53 0.18 8.37 -20.82
N ASP A 54 0.96 9.46 -20.91
CA ASP A 54 0.87 10.54 -19.94
C ASP A 54 -0.46 11.24 -20.13
N THR A 55 -1.03 11.11 -21.33
CA THR A 55 -2.25 11.88 -21.63
C THR A 55 -3.48 11.42 -20.89
N ILE A 56 -3.48 10.23 -20.32
CA ILE A 56 -4.62 9.75 -19.53
C ILE A 56 -4.68 10.28 -18.08
N ILE A 57 -3.61 10.93 -17.62
CA ILE A 57 -3.44 11.20 -16.18
C ILE A 57 -4.50 12.20 -15.69
N PRO A 58 -4.70 13.27 -16.45
CA PRO A 58 -5.76 14.17 -15.96
C PRO A 58 -7.12 13.55 -15.79
N THR A 59 -7.54 12.68 -16.71
CA THR A 59 -8.79 11.91 -16.54
C THR A 59 -8.69 11.04 -15.30
N ILE A 60 -7.53 10.40 -15.08
CA ILE A 60 -7.50 9.59 -13.90
C ILE A 60 -7.67 10.41 -12.63
N ASN A 61 -6.98 11.55 -12.54
CA ASN A 61 -7.04 12.41 -11.35
C ASN A 61 -8.48 12.79 -11.08
N GLN A 62 -9.18 13.15 -12.17
CA GLN A 62 -10.60 13.56 -12.06
C GLN A 62 -11.47 12.40 -11.62
N LEU A 63 -11.23 11.21 -12.19
CA LEU A 63 -12.00 10.04 -11.76
C LEU A 63 -11.82 9.70 -10.29
N ALA A 64 -10.58 9.75 -9.79
CA ALA A 64 -10.34 9.44 -8.38
C ALA A 64 -11.24 10.26 -7.44
N GLY A 65 -11.62 11.44 -7.90
CA GLY A 65 -12.50 12.34 -7.15
C GLY A 65 -13.93 11.87 -7.06
N CYS A 66 -14.35 10.99 -7.96
CA CYS A 66 -15.64 10.30 -7.83
C CYS A 66 -15.73 9.15 -6.83
N PHE A 67 -14.59 8.68 -6.32
CA PHE A 67 -14.56 7.45 -5.52
C PHE A 67 -14.23 7.73 -4.06
N GLU A 68 -14.84 6.97 -3.15
CA GLU A 68 -14.50 6.96 -1.73
C GLU A 68 -13.17 6.22 -1.55
N ASN A 69 -12.95 5.21 -2.36
CA ASN A 69 -11.85 4.24 -2.13
C ASN A 69 -11.00 4.15 -3.35
N VAL A 70 -9.69 4.41 -3.19
CA VAL A 70 -8.79 4.47 -4.30
C VAL A 70 -7.51 3.70 -3.88
N VAL A 71 -7.13 2.78 -4.73
CA VAL A 71 -5.85 1.98 -4.55
C VAL A 71 -4.92 2.27 -5.72
N LEU A 72 -3.62 2.47 -5.45
CA LEU A 72 -2.64 2.63 -6.49
C LEU A 72 -1.73 1.37 -6.50
N THR A 73 -1.39 0.96 -7.69
CA THR A 73 -0.40 -0.12 -7.92
C THR A 73 0.91 0.44 -8.52
N GLN A 74 2.00 -0.30 -8.26
CA GLN A 74 3.33 0.08 -8.62
C GLN A 74 4.08 -1.15 -8.97
N ASP A 75 4.46 -1.23 -10.22
CA ASP A 75 5.41 -2.25 -10.68
C ASP A 75 6.71 -1.94 -9.93
N TRP A 76 7.39 -2.98 -9.40
CA TRP A 76 8.41 -2.78 -8.37
C TRP A 76 9.42 -3.93 -8.38
N HIS A 77 10.25 -3.92 -9.39
CA HIS A 77 11.07 -5.04 -9.72
C HIS A 77 12.50 -4.95 -9.12
N PRO A 78 13.06 -6.07 -8.68
CA PRO A 78 14.52 -5.97 -8.40
C PRO A 78 15.36 -6.01 -9.67
N ASP A 79 16.64 -5.63 -9.61
CA ASP A 79 17.41 -5.44 -10.83
C ASP A 79 17.60 -6.76 -11.49
N ASN A 80 17.50 -7.77 -10.64
N ASN A 80 17.59 -7.84 -10.71
CA ASN A 80 17.67 -9.19 -10.95
CA ASN A 80 17.76 -9.18 -11.25
C ASN A 80 16.46 -9.83 -11.66
C ASN A 80 16.42 -9.87 -11.56
N HIS A 81 15.39 -9.07 -11.84
CA HIS A 81 14.13 -9.67 -12.20
C HIS A 81 14.15 -10.46 -13.51
N ILE A 82 13.46 -11.59 -13.44
CA ILE A 82 13.33 -12.52 -14.55
C ILE A 82 12.63 -11.94 -15.78
N SER A 83 11.83 -10.87 -15.65
CA SER A 83 11.16 -10.36 -16.84
C SER A 83 12.05 -9.49 -17.75
N PHE A 84 13.26 -9.13 -17.29
CA PHE A 84 14.14 -8.25 -18.06
C PHE A 84 14.95 -9.02 -19.06
N ALA A 85 14.90 -8.61 -20.33
CA ALA A 85 15.71 -9.25 -21.37
C ALA A 85 17.21 -9.29 -20.95
N ALA A 86 17.63 -8.22 -20.27
CA ALA A 86 19.03 -8.02 -19.91
C ALA A 86 19.54 -9.17 -19.04
N ASN A 87 18.64 -9.85 -18.33
CA ASN A 87 19.00 -11.00 -17.49
C ASN A 87 18.89 -12.37 -18.16
N HIS A 88 18.83 -12.40 -19.48
CA HIS A 88 18.81 -13.63 -20.24
C HIS A 88 19.72 -13.37 -21.44
N PRO A 89 21.02 -13.58 -21.24
CA PRO A 89 22.00 -13.45 -22.36
C PRO A 89 21.54 -14.08 -23.68
N GLY A 90 21.68 -13.32 -24.78
CA GLY A 90 21.25 -13.79 -26.10
C GLY A 90 19.74 -13.63 -26.41
N LYS A 91 18.97 -13.13 -25.45
CA LYS A 91 17.56 -12.74 -25.70
C LYS A 91 17.38 -11.25 -25.82
N GLN A 92 16.34 -10.87 -26.55
CA GLN A 92 16.03 -9.49 -26.87
C GLN A 92 14.74 -9.01 -26.19
N PRO A 93 14.70 -7.74 -25.81
CA PRO A 93 13.42 -7.15 -25.37
C PRO A 93 12.29 -7.49 -26.37
N PHE A 94 11.12 -7.79 -25.86
CA PHE A 94 9.88 -8.05 -26.62
C PHE A 94 9.81 -9.44 -27.22
N GLU A 95 10.86 -10.24 -27.02
CA GLU A 95 10.75 -11.64 -27.35
C GLU A 95 10.19 -12.40 -26.13
N THR A 96 9.68 -13.59 -26.36
CA THR A 96 9.00 -14.38 -25.32
C THR A 96 9.94 -15.56 -25.04
N ILE A 97 10.05 -15.94 -23.79
CA ILE A 97 10.78 -17.19 -23.44
C ILE A 97 9.88 -18.08 -22.61
N GLU A 98 10.24 -19.35 -22.49
CA GLU A 98 9.44 -20.28 -21.70
C GLU A 98 10.02 -20.46 -20.31
N LEU A 99 9.20 -20.17 -19.28
CA LEU A 99 9.61 -20.31 -17.88
C LEU A 99 8.81 -21.45 -17.23
N ASP A 100 9.09 -21.74 -15.96
CA ASP A 100 8.32 -22.74 -15.23
C ASP A 100 6.83 -22.53 -15.30
N TYR A 101 6.39 -21.27 -15.16
CA TYR A 101 4.97 -21.03 -15.16
C TYR A 101 4.31 -20.81 -16.52
N GLY A 102 5.10 -20.91 -17.58
CA GLY A 102 4.58 -20.73 -18.91
C GLY A 102 5.32 -19.63 -19.64
N SER A 103 4.68 -19.06 -20.65
CA SER A 103 5.32 -18.01 -21.45
C SER A 103 5.51 -16.72 -20.66
N GLN A 104 6.63 -16.07 -20.93
CA GLN A 104 7.04 -14.81 -20.34
C GLN A 104 7.60 -13.90 -21.42
N VAL A 105 6.90 -12.79 -21.68
CA VAL A 105 7.52 -11.74 -22.42
C VAL A 105 8.70 -11.09 -21.67
N LEU A 106 9.78 -10.85 -22.41
CA LEU A 106 10.90 -10.13 -21.86
C LEU A 106 10.87 -8.66 -22.27
N TRP A 107 11.28 -7.85 -21.34
CA TRP A 107 11.20 -6.40 -21.45
C TRP A 107 12.55 -5.66 -21.27
N PRO A 108 12.63 -4.41 -21.72
CA PRO A 108 13.61 -3.45 -21.22
C PRO A 108 13.58 -3.42 -19.71
N LYS A 109 14.71 -3.06 -19.10
CA LYS A 109 14.72 -2.84 -17.66
C LYS A 109 13.72 -1.74 -17.36
N HIS A 110 12.91 -1.94 -16.32
CA HIS A 110 11.97 -0.90 -15.99
C HIS A 110 11.53 -0.99 -14.55
N CYS A 111 11.15 0.17 -14.00
CA CYS A 111 10.54 0.24 -12.68
C CYS A 111 11.32 -0.55 -11.63
N ILE A 112 12.64 -0.43 -11.65
CA ILE A 112 13.46 -1.04 -10.62
C ILE A 112 13.24 -0.28 -9.28
N GLN A 113 13.14 -1.06 -8.20
CA GLN A 113 12.83 -0.58 -6.85
C GLN A 113 13.75 0.55 -6.48
N GLY A 114 13.19 1.68 -6.08
CA GLY A 114 13.91 2.81 -5.58
C GLY A 114 14.42 3.78 -6.63
N THR A 115 14.29 3.46 -7.93
CA THR A 115 14.77 4.32 -8.99
C THR A 115 13.68 5.33 -9.43
N HIS A 116 14.10 6.39 -10.14
CA HIS A 116 13.19 7.37 -10.74
C HIS A 116 12.12 6.71 -11.64
N ASP A 117 12.57 5.69 -12.37
CA ASP A 117 11.76 4.93 -13.33
C ASP A 117 10.57 4.32 -12.60
N ALA A 118 10.77 3.88 -11.36
CA ALA A 118 9.70 3.23 -10.59
C ALA A 118 8.72 4.19 -9.98
N GLU A 119 9.06 5.46 -9.90
CA GLU A 119 8.22 6.43 -9.22
C GLU A 119 6.89 6.75 -9.94
N PHE A 120 5.91 7.21 -9.21
CA PHE A 120 4.69 7.69 -9.87
C PHE A 120 5.00 8.86 -10.75
N HIS A 121 4.21 9.02 -11.82
CA HIS A 121 4.40 10.12 -12.73
C HIS A 121 4.04 11.41 -11.97
N PRO A 122 4.86 12.46 -12.16
CA PRO A 122 4.71 13.74 -11.42
C PRO A 122 3.33 14.34 -11.59
N ASP A 123 2.68 14.03 -12.71
CA ASP A 123 1.33 14.57 -12.97
C ASP A 123 0.23 13.84 -12.20
N LEU A 124 0.52 12.65 -11.72
CA LEU A 124 -0.50 11.94 -10.94
C LEU A 124 -0.71 12.70 -9.66
N ASN A 125 -1.97 12.96 -9.36
CA ASN A 125 -2.35 13.75 -8.21
C ASN A 125 -3.58 13.17 -7.53
N ILE A 126 -3.37 12.18 -6.65
CA ILE A 126 -4.49 11.55 -5.94
C ILE A 126 -4.15 11.49 -4.45
N PRO A 127 -4.24 12.64 -3.78
CA PRO A 127 -3.92 12.68 -2.36
C PRO A 127 -4.83 11.79 -1.48
N THR A 128 -6.06 11.49 -1.91
CA THR A 128 -6.96 10.61 -1.16
C THR A 128 -6.68 9.09 -1.30
N ALA A 129 -5.67 8.71 -2.08
CA ALA A 129 -5.36 7.29 -2.32
C ALA A 129 -5.05 6.66 -0.96
N GLN A 130 -5.55 5.44 -0.74
CA GLN A 130 -5.54 4.81 0.61
C GLN A 130 -4.53 3.64 0.77
N LEU A 131 -4.00 3.20 -0.38
CA LEU A 131 -3.11 1.99 -0.47
C LEU A 131 -2.19 2.13 -1.65
N ILE A 132 -0.96 1.60 -1.52
N ILE A 132 -0.94 1.71 -1.51
CA ILE A 132 0.00 1.64 -2.57
CA ILE A 132 -0.16 1.53 -2.64
C ILE A 132 0.54 0.20 -2.58
C ILE A 132 0.34 0.15 -2.48
N ILE A 133 0.03 -0.66 -3.45
CA ILE A 133 0.50 -2.11 -3.53
C ILE A 133 1.55 -2.24 -4.60
N ARG A 134 2.73 -2.79 -4.22
CA ARG A 134 3.81 -3.06 -5.16
C ARG A 134 3.73 -4.50 -5.60
N LYS A 135 4.12 -4.73 -6.83
CA LYS A 135 4.02 -6.03 -7.43
C LYS A 135 5.25 -6.29 -8.27
N GLY A 136 5.54 -7.56 -8.55
CA GLY A 136 6.62 -7.89 -9.44
C GLY A 136 7.93 -7.93 -8.63
N PHE A 137 7.84 -8.01 -7.31
CA PHE A 137 9.02 -7.86 -6.47
C PHE A 137 9.72 -9.18 -6.22
N HIS A 138 9.11 -10.31 -6.56
CA HIS A 138 9.83 -11.60 -6.49
C HIS A 138 10.74 -11.71 -7.71
N ALA A 139 12.06 -11.96 -7.50
CA ALA A 139 13.00 -11.99 -8.61
C ALA A 139 12.63 -12.98 -9.70
N HIS A 140 11.99 -14.09 -9.35
CA HIS A 140 11.74 -15.15 -10.30
C HIS A 140 10.32 -15.25 -10.86
N ILE A 141 9.44 -14.32 -10.47
CA ILE A 141 8.04 -14.42 -10.88
C ILE A 141 7.58 -13.02 -11.24
N ASP A 142 7.17 -12.81 -12.47
CA ASP A 142 6.48 -11.53 -12.84
C ASP A 142 5.09 -11.40 -12.22
N SER A 143 4.51 -10.19 -12.32
CA SER A 143 3.17 -9.98 -11.78
C SER A 143 2.52 -8.75 -12.45
N TYR A 144 2.16 -8.92 -13.70
CA TYR A 144 1.35 -7.87 -14.36
C TYR A 144 0.11 -7.52 -13.50
N SER A 145 -0.61 -8.53 -13.01
CA SER A 145 -1.77 -8.34 -12.17
C SER A 145 -1.46 -7.92 -10.75
N ALA A 146 -2.27 -7.00 -10.21
CA ALA A 146 -2.13 -6.59 -8.81
C ALA A 146 -2.86 -7.56 -7.87
N PHE A 147 -3.48 -8.59 -8.43
CA PHE A 147 -4.18 -9.62 -7.64
C PHE A 147 -3.46 -10.97 -7.51
N MET A 148 -2.80 -11.36 -8.57
CA MET A 148 -2.14 -12.71 -8.60
C MET A 148 -0.91 -12.68 -9.46
N GLU A 149 0.14 -13.38 -9.02
CA GLU A 149 1.32 -13.38 -9.79
C GLU A 149 1.23 -14.32 -11.01
N ALA A 150 2.23 -14.17 -11.89
CA ALA A 150 2.38 -14.88 -13.17
C ALA A 150 2.37 -16.39 -13.01
N ASP A 151 2.62 -16.86 -11.80
CA ASP A 151 2.64 -18.29 -11.55
C ASP A 151 1.24 -18.86 -11.34
N HIS A 152 0.23 -17.96 -11.36
CA HIS A 152 -1.18 -18.32 -11.31
C HIS A 152 -1.58 -18.78 -9.92
N THR A 153 -0.66 -18.65 -8.98
CA THR A 153 -0.85 -19.21 -7.66
C THR A 153 -0.52 -18.30 -6.48
N THR A 154 0.52 -17.50 -6.57
CA THR A 154 0.86 -16.54 -5.52
C THR A 154 -0.08 -15.32 -5.55
N MET A 155 -0.93 -15.24 -4.54
CA MET A 155 -1.94 -14.17 -4.35
C MET A 155 -1.20 -13.02 -3.69
N THR A 156 -1.51 -11.82 -4.09
CA THR A 156 -0.74 -10.65 -3.70
C THR A 156 -1.21 -10.03 -2.37
N GLY A 157 -2.38 -10.45 -1.86
CA GLY A 157 -3.03 -9.78 -0.73
C GLY A 157 -4.17 -8.85 -1.12
N LEU A 158 -4.26 -8.45 -2.35
CA LEU A 158 -5.26 -7.44 -2.71
C LEU A 158 -6.71 -7.88 -2.49
N THR A 159 -7.03 -9.11 -2.90
CA THR A 159 -8.33 -9.69 -2.78
C THR A 159 -8.81 -9.60 -1.32
N GLY A 160 -7.96 -10.03 -0.43
CA GLY A 160 -8.31 -10.06 1.00
C GLY A 160 -8.51 -8.66 1.60
N TYR A 161 -7.70 -7.72 1.14
CA TYR A 161 -7.68 -6.37 1.61
C TYR A 161 -9.06 -5.82 1.18
N LEU A 162 -9.39 -6.02 -0.11
CA LEU A 162 -10.64 -5.36 -0.64
C LEU A 162 -11.88 -6.01 0.03
N LYS A 163 -11.90 -7.34 0.12
CA LYS A 163 -13.02 -8.05 0.72
C LYS A 163 -13.18 -7.59 2.17
N GLU A 164 -12.07 -7.46 2.89
CA GLU A 164 -12.13 -6.99 4.27
C GLU A 164 -12.80 -5.61 4.39
N ARG A 165 -12.48 -4.75 3.45
CA ARG A 165 -13.03 -3.41 3.43
C ARG A 165 -14.47 -3.37 2.92
N GLY A 166 -15.05 -4.49 2.51
CA GLY A 166 -16.45 -4.46 2.01
C GLY A 166 -16.60 -4.01 0.57
N ILE A 167 -15.51 -4.12 -0.19
CA ILE A 167 -15.47 -3.71 -1.58
C ILE A 167 -15.83 -4.89 -2.45
N ASP A 168 -16.82 -4.73 -3.33
CA ASP A 168 -17.18 -5.85 -4.24
C ASP A 168 -17.14 -5.49 -5.73
N THR A 169 -16.82 -4.24 -5.99
CA THR A 169 -16.74 -3.71 -7.33
C THR A 169 -15.44 -2.95 -7.55
N VAL A 170 -14.81 -3.23 -8.68
CA VAL A 170 -13.51 -2.68 -8.98
C VAL A 170 -13.55 -2.04 -10.35
N TYR A 171 -13.18 -0.78 -10.43
CA TYR A 171 -12.92 -0.12 -11.69
C TYR A 171 -11.44 0.03 -11.92
N VAL A 172 -10.99 -0.28 -13.12
CA VAL A 172 -9.57 -0.35 -13.36
C VAL A 172 -9.16 0.66 -14.44
N VAL A 173 -8.10 1.42 -14.14
CA VAL A 173 -7.44 2.40 -15.06
C VAL A 173 -5.92 2.27 -15.05
N GLY A 174 -5.23 2.93 -15.99
CA GLY A 174 -3.74 2.84 -16.00
C GLY A 174 -3.11 2.27 -17.21
N ILE A 175 -1.95 1.59 -17.01
CA ILE A 175 -1.07 1.34 -18.10
C ILE A 175 -0.46 -0.03 -17.79
N ALA A 176 -0.32 -0.93 -18.74
CA ALA A 176 -0.81 -0.92 -20.07
C ALA A 176 -2.14 -1.69 -20.11
N THR A 177 -3.07 -1.13 -20.91
CA THR A 177 -4.41 -1.75 -21.10
C THR A 177 -4.37 -3.23 -21.31
N ASP A 178 -3.41 -3.70 -22.13
CA ASP A 178 -3.30 -5.11 -22.52
C ASP A 178 -2.38 -5.98 -21.67
N PHE A 179 -1.77 -5.41 -20.66
CA PHE A 179 -0.93 -6.20 -19.75
C PHE A 179 -1.40 -6.03 -18.29
N CYS A 180 -0.89 -5.08 -17.53
CA CYS A 180 -1.19 -4.96 -16.15
C CYS A 180 -2.67 -4.57 -15.99
N VAL A 181 -3.22 -3.76 -16.88
CA VAL A 181 -4.60 -3.49 -16.68
C VAL A 181 -5.46 -4.75 -16.96
N ALA A 182 -5.25 -5.38 -18.13
CA ALA A 182 -6.05 -6.56 -18.50
C ALA A 182 -5.94 -7.67 -17.47
N TRP A 183 -4.71 -8.06 -17.09
N TRP A 183 -4.73 -8.00 -17.05
CA TRP A 183 -4.56 -9.14 -16.12
CA TRP A 183 -4.58 -9.09 -16.12
C TRP A 183 -5.20 -8.79 -14.74
C TRP A 183 -5.12 -8.80 -14.70
N THR A 184 -5.03 -7.55 -14.26
CA THR A 184 -5.66 -7.09 -13.01
C THR A 184 -7.18 -7.27 -13.14
N ALA A 185 -7.75 -6.83 -14.25
CA ALA A 185 -9.21 -6.91 -14.44
C ALA A 185 -9.73 -8.36 -14.48
N LEU A 186 -9.01 -9.20 -15.21
CA LEU A 186 -9.37 -10.57 -15.40
C LEU A 186 -9.21 -11.32 -14.08
N ASP A 187 -8.13 -11.06 -13.32
CA ASP A 187 -7.99 -11.69 -12.01
C ASP A 187 -9.09 -11.19 -11.05
N ALA A 188 -9.50 -9.93 -11.17
CA ALA A 188 -10.55 -9.46 -10.33
C ALA A 188 -11.88 -10.23 -10.55
N VAL A 189 -12.22 -10.45 -11.81
CA VAL A 189 -13.35 -11.32 -12.17
C VAL A 189 -13.20 -12.70 -11.59
N LYS A 190 -12.01 -13.28 -11.71
N LYS A 190 -12.00 -13.27 -11.69
N LYS A 190 -12.00 -13.27 -11.68
CA LYS A 190 -11.77 -14.60 -11.15
CA LYS A 190 -11.77 -14.61 -11.18
CA LYS A 190 -11.79 -14.63 -11.21
C LYS A 190 -12.10 -14.64 -9.68
C LYS A 190 -12.04 -14.67 -9.68
C LYS A 190 -11.88 -14.73 -9.67
N GLN A 191 -11.63 -13.62 -8.97
CA GLN A 191 -11.85 -13.50 -7.56
C GLN A 191 -13.24 -13.03 -7.05
N GLY A 192 -14.15 -12.71 -7.95
CA GLY A 192 -15.52 -12.48 -7.57
C GLY A 192 -16.00 -11.06 -7.57
N PHE A 193 -15.15 -10.12 -7.98
CA PHE A 193 -15.51 -8.71 -8.05
C PHE A 193 -16.28 -8.37 -9.34
N LYS A 194 -17.28 -7.52 -9.20
CA LYS A 194 -17.76 -6.86 -10.37
C LYS A 194 -16.63 -5.96 -10.90
N THR A 195 -16.29 -6.13 -12.17
CA THR A 195 -15.15 -5.49 -12.76
C THR A 195 -15.45 -4.67 -14.02
N LEU A 196 -15.05 -3.41 -13.97
CA LEU A 196 -15.06 -2.51 -15.10
C LEU A 196 -13.68 -1.93 -15.43
N VAL A 197 -13.42 -1.70 -16.70
CA VAL A 197 -12.28 -0.99 -17.17
C VAL A 197 -12.71 0.28 -17.88
N ILE A 198 -12.07 1.39 -17.52
CA ILE A 198 -12.45 2.72 -18.02
C ILE A 198 -11.50 3.04 -19.16
N GLU A 199 -11.97 2.71 -20.35
CA GLU A 199 -11.13 2.66 -21.55
C GLU A 199 -10.28 3.89 -21.83
N ASP A 200 -10.87 5.07 -21.77
CA ASP A 200 -10.12 6.27 -22.11
C ASP A 200 -9.16 6.74 -21.01
N ALA A 201 -9.13 6.01 -19.88
CA ALA A 201 -8.26 6.30 -18.77
C ALA A 201 -7.18 5.20 -18.74
N CYS A 202 -6.99 4.56 -19.89
CA CYS A 202 -6.00 3.46 -20.07
C CYS A 202 -5.17 3.69 -21.31
N LYS A 203 -3.96 3.14 -21.41
CA LYS A 203 -3.27 3.22 -22.66
C LYS A 203 -2.52 1.92 -22.88
N GLY A 204 -2.61 1.42 -24.11
CA GLY A 204 -1.91 0.16 -24.46
C GLY A 204 -0.66 0.11 -25.25
N ILE A 205 -0.03 -1.06 -25.24
CA ILE A 205 1.24 -1.30 -25.95
C ILE A 205 1.05 -1.97 -27.32
N ASP A 206 0.10 -2.92 -27.37
CA ASP A 206 -0.24 -3.68 -28.58
C ASP A 206 0.95 -4.39 -29.24
N LEU A 207 1.44 -5.43 -28.56
CA LEU A 207 2.44 -6.32 -29.09
C LEU A 207 1.77 -7.48 -29.82
N ASN A 208 2.00 -7.59 -31.11
CA ASN A 208 1.44 -8.71 -31.88
C ASN A 208 -0.06 -8.92 -31.66
N GLY A 209 -0.83 -7.85 -31.71
CA GLY A 209 -2.27 -8.00 -31.54
C GLY A 209 -2.84 -8.08 -30.14
N SER A 210 -2.01 -7.79 -29.14
CA SER A 210 -2.33 -8.02 -27.78
C SER A 210 -3.47 -7.12 -27.29
N LEU A 211 -3.55 -5.92 -27.86
CA LEU A 211 -4.59 -4.97 -27.47
C LEU A 211 -6.02 -5.43 -27.79
N GLU A 212 -6.31 -5.69 -29.05
CA GLU A 212 -7.63 -6.20 -29.41
C GLU A 212 -7.92 -7.54 -28.72
N GLN A 213 -6.92 -8.41 -28.55
CA GLN A 213 -7.22 -9.59 -27.89
C GLN A 213 -7.56 -9.39 -26.42
N ALA A 214 -6.87 -8.45 -25.74
CA ALA A 214 -7.08 -8.25 -24.33
C ALA A 214 -8.55 -7.73 -24.20
N TRP A 215 -8.97 -6.94 -25.13
CA TRP A 215 -10.38 -6.47 -25.02
C TRP A 215 -11.37 -7.64 -25.21
N GLN A 216 -11.11 -8.48 -26.19
N GLN A 216 -11.14 -8.51 -26.19
CA GLN A 216 -11.97 -9.64 -26.44
CA GLN A 216 -12.07 -9.60 -26.44
C GLN A 216 -12.09 -10.47 -25.19
C GLN A 216 -12.10 -10.61 -25.29
N THR A 217 -10.96 -10.93 -24.70
CA THR A 217 -10.99 -11.74 -23.55
C THR A 217 -11.66 -11.09 -22.35
N MET A 218 -11.36 -9.81 -22.11
CA MET A 218 -11.95 -9.12 -21.00
C MET A 218 -13.49 -9.10 -21.20
N GLN A 219 -13.97 -8.82 -22.39
N GLN A 219 -13.93 -8.83 -22.44
CA GLN A 219 -15.42 -8.78 -22.51
CA GLN A 219 -15.36 -8.75 -22.76
C GLN A 219 -16.01 -10.20 -22.39
C GLN A 219 -16.09 -10.11 -22.64
N GLN A 220 -15.42 -11.18 -23.07
CA GLN A 220 -15.89 -12.55 -22.90
C GLN A 220 -16.08 -12.89 -21.40
N GLN A 221 -15.19 -12.38 -20.54
CA GLN A 221 -15.27 -12.70 -19.14
C GLN A 221 -16.12 -11.73 -18.35
N GLY A 222 -16.84 -10.86 -19.03
CA GLY A 222 -17.79 -9.98 -18.37
C GLY A 222 -17.18 -8.75 -17.69
N VAL A 223 -15.95 -8.37 -18.03
CA VAL A 223 -15.45 -7.03 -17.66
C VAL A 223 -16.30 -6.04 -18.40
N VAL A 224 -16.85 -5.08 -17.69
CA VAL A 224 -17.52 -3.98 -18.37
C VAL A 224 -16.59 -2.87 -18.91
N ARG A 225 -16.67 -2.64 -20.22
CA ARG A 225 -15.94 -1.58 -20.91
C ARG A 225 -16.75 -0.28 -20.89
N ILE A 226 -16.32 0.68 -20.10
CA ILE A 226 -16.96 1.99 -20.03
C ILE A 226 -15.96 3.10 -20.34
N GLN A 227 -16.51 4.31 -20.52
CA GLN A 227 -15.76 5.51 -20.81
C GLN A 227 -15.87 6.43 -19.61
N SER A 228 -14.92 7.35 -19.47
CA SER A 228 -14.86 8.15 -18.27
C SER A 228 -16.10 8.99 -18.19
N THR A 229 -16.63 9.36 -19.35
CA THR A 229 -17.83 10.19 -19.38
C THR A 229 -19.04 9.47 -18.81
N ASP A 230 -19.01 8.14 -18.81
CA ASP A 230 -20.11 7.32 -18.27
C ASP A 230 -20.15 7.42 -16.76
N LEU A 231 -18.98 7.59 -16.16
CA LEU A 231 -18.84 7.72 -14.74
C LEU A 231 -18.97 9.18 -14.27
N LEU A 232 -18.42 10.12 -15.04
CA LEU A 232 -18.29 11.51 -14.56
C LEU A 232 -19.58 12.33 -14.60
N LYS B 26 17.80 -14.55 7.81
CA LYS B 26 16.57 -13.91 7.21
C LYS B 26 15.30 -14.55 7.80
N GLN B 27 14.32 -13.73 8.17
CA GLN B 27 13.10 -14.29 8.77
C GLN B 27 12.30 -15.05 7.73
N PRO B 28 11.59 -16.10 8.15
CA PRO B 28 10.81 -16.95 7.29
C PRO B 28 9.66 -16.17 6.59
N GLN B 29 9.12 -16.78 5.54
CA GLN B 29 8.07 -16.18 4.71
C GLN B 29 6.79 -15.86 5.48
N ASN B 30 6.60 -16.45 6.66
CA ASN B 30 5.34 -16.29 7.39
C ASN B 30 5.44 -15.10 8.36
N SER B 31 6.57 -14.40 8.31
CA SER B 31 6.80 -13.22 9.17
C SER B 31 6.85 -11.97 8.37
N ALA B 32 6.30 -10.89 8.95
CA ALA B 32 6.37 -9.56 8.33
C ALA B 32 6.81 -8.51 9.37
N LEU B 33 7.52 -7.49 8.91
CA LEU B 33 7.89 -6.35 9.69
C LEU B 33 6.86 -5.24 9.25
N VAL B 34 6.26 -4.64 10.26
CA VAL B 34 5.30 -3.53 10.06
C VAL B 34 5.94 -2.27 10.61
N VAL B 35 6.22 -1.34 9.69
CA VAL B 35 6.93 -0.14 9.99
C VAL B 35 5.92 0.98 10.12
N VAL B 36 5.75 1.39 11.35
CA VAL B 36 4.61 2.32 11.73
C VAL B 36 4.99 3.83 11.67
N ASP B 37 4.35 4.55 10.75
CA ASP B 37 4.44 6.01 10.75
C ASP B 37 5.85 6.67 10.91
N VAL B 38 6.86 6.22 10.15
CA VAL B 38 8.15 6.88 10.17
C VAL B 38 8.14 8.11 9.22
N GLN B 39 7.40 9.12 9.68
CA GLN B 39 6.97 10.26 8.87
C GLN B 39 7.57 11.58 9.38
N ASN B 40 7.71 12.54 8.49
CA ASN B 40 8.23 13.85 8.87
C ASN B 40 7.49 14.34 10.12
N GLY B 41 6.19 14.06 10.14
CA GLY B 41 5.28 14.68 11.13
C GLY B 41 5.59 14.28 12.58
N PHE B 42 6.16 13.07 12.76
CA PHE B 42 6.37 12.52 14.09
C PHE B 42 7.85 12.52 14.49
N THR B 43 8.67 13.13 13.64
CA THR B 43 10.10 13.22 13.88
C THR B 43 10.47 14.71 14.05
N PRO B 44 11.59 14.98 14.69
CA PRO B 44 12.10 16.31 14.90
C PRO B 44 12.04 17.17 13.62
N GLY B 45 11.49 18.37 13.79
CA GLY B 45 11.13 19.24 12.68
C GLY B 45 9.66 19.17 12.30
N GLY B 46 8.98 18.07 12.63
CA GLY B 46 7.57 17.91 12.25
C GLY B 46 6.52 18.55 13.17
N ASN B 47 5.27 18.47 12.75
CA ASN B 47 4.19 19.16 13.45
C ASN B 47 3.81 18.43 14.73
N LEU B 48 4.24 17.15 14.91
CA LEU B 48 3.94 16.42 16.15
C LEU B 48 5.21 15.62 16.47
N ALA B 49 6.30 16.35 16.53
CA ALA B 49 7.66 15.75 16.68
C ALA B 49 7.81 15.10 18.03
N VAL B 50 8.23 13.83 17.95
CA VAL B 50 8.56 13.02 19.11
C VAL B 50 10.09 13.07 19.21
N ALA B 51 10.59 13.58 20.36
CA ALA B 51 12.00 13.84 20.56
C ALA B 51 12.79 12.52 20.31
N ASP B 52 13.87 12.63 19.54
CA ASP B 52 14.80 11.52 19.28
C ASP B 52 14.23 10.46 18.34
N ALA B 53 13.01 10.66 17.84
CA ALA B 53 12.36 9.66 17.04
C ALA B 53 13.08 9.36 15.73
N ASP B 54 13.90 10.30 15.26
CA ASP B 54 14.69 10.09 14.07
C ASP B 54 15.85 9.11 14.34
N THR B 55 16.22 8.97 15.61
CA THR B 55 17.40 8.08 15.91
C THR B 55 17.14 6.60 15.74
N ILE B 56 15.88 6.19 15.67
CA ILE B 56 15.55 4.78 15.49
C ILE B 56 15.68 4.30 14.03
N ILE B 57 15.80 5.24 13.09
CA ILE B 57 15.63 4.93 11.66
C ILE B 57 16.69 3.99 11.10
N PRO B 58 17.96 4.25 11.42
CA PRO B 58 18.99 3.31 10.96
C PRO B 58 18.76 1.86 11.38
N THR B 59 18.39 1.63 12.65
CA THR B 59 17.97 0.31 13.13
C THR B 59 16.80 -0.24 12.32
N ILE B 60 15.77 0.59 12.05
CA ILE B 60 14.70 0.13 11.19
C ILE B 60 15.12 -0.30 9.79
N ASN B 61 16.01 0.47 9.14
CA ASN B 61 16.49 0.22 7.81
C ASN B 61 17.24 -1.15 7.85
N GLN B 62 17.97 -1.36 8.93
CA GLN B 62 18.73 -2.63 9.04
C GLN B 62 17.81 -3.85 9.24
N LEU B 63 16.89 -3.71 10.19
CA LEU B 63 15.86 -4.73 10.45
C LEU B 63 15.11 -5.11 9.20
N ALA B 64 14.74 -4.13 8.35
CA ALA B 64 13.93 -4.48 7.20
C ALA B 64 14.68 -5.44 6.26
N GLY B 65 16.01 -5.35 6.26
CA GLY B 65 16.86 -6.34 5.56
C GLY B 65 16.88 -7.74 6.10
N CYS B 66 16.45 -7.93 7.33
CA CYS B 66 16.21 -9.25 7.91
C CYS B 66 14.95 -9.93 7.42
N PHE B 67 14.03 -9.15 6.83
CA PHE B 67 12.72 -9.66 6.48
C PHE B 67 12.50 -9.85 4.98
N GLU B 68 11.80 -10.91 4.60
CA GLU B 68 11.29 -11.11 3.24
C GLU B 68 10.10 -10.11 2.96
N ASN B 69 9.31 -9.86 4.00
CA ASN B 69 8.02 -9.10 3.83
C ASN B 69 7.97 -7.85 4.75
N VAL B 70 7.83 -6.67 4.13
CA VAL B 70 7.83 -5.44 4.89
C VAL B 70 6.66 -4.55 4.37
N VAL B 71 5.84 -4.10 5.32
CA VAL B 71 4.70 -3.13 5.08
C VAL B 71 5.06 -1.81 5.80
N LEU B 72 4.75 -0.71 5.10
N LEU B 72 4.70 -0.67 5.22
CA LEU B 72 4.80 0.62 5.62
CA LEU B 72 4.93 0.58 5.89
C LEU B 72 3.36 1.06 6.01
C LEU B 72 3.57 1.25 5.92
N THR B 73 3.29 1.83 7.07
CA THR B 73 2.08 2.60 7.35
C THR B 73 2.34 4.10 7.31
N GLN B 74 1.25 4.86 7.04
CA GLN B 74 1.30 6.29 6.96
C GLN B 74 0.01 6.87 7.52
N ASP B 75 0.13 7.67 8.57
CA ASP B 75 -0.99 8.49 9.05
C ASP B 75 -1.25 9.38 7.86
N TRP B 76 -2.56 9.66 7.55
CA TRP B 76 -2.90 10.18 6.24
C TRP B 76 -4.26 10.89 6.39
N HIS B 77 -4.20 11.97 7.12
CA HIS B 77 -5.39 12.68 7.57
C HIS B 77 -5.88 13.77 6.56
N PRO B 78 -7.21 13.83 6.36
CA PRO B 78 -7.67 15.09 5.73
C PRO B 78 -7.61 16.30 6.64
N ASP B 79 -7.60 17.48 5.99
N ASP B 79 -7.60 17.50 6.05
CA ASP B 79 -7.64 18.79 6.63
CA ASP B 79 -7.47 18.72 6.85
C ASP B 79 -8.55 18.82 7.84
C ASP B 79 -8.56 18.82 7.90
N ASN B 80 -9.73 18.25 7.62
CA ASN B 80 -10.85 18.33 8.55
C ASN B 80 -10.93 17.16 9.55
N HIS B 81 -9.81 16.49 9.80
CA HIS B 81 -9.92 15.33 10.62
C HIS B 81 -10.33 15.61 12.06
N ILE B 82 -11.17 14.74 12.59
CA ILE B 82 -11.72 14.80 13.91
C ILE B 82 -10.68 14.68 15.04
N SER B 83 -9.51 14.06 14.77
CA SER B 83 -8.41 14.08 15.75
C SER B 83 -7.66 15.42 15.94
N PHE B 84 -7.86 16.46 15.09
CA PHE B 84 -7.15 17.73 15.28
C PHE B 84 -7.91 18.65 16.22
N ALA B 85 -7.23 19.14 17.26
CA ALA B 85 -7.86 20.05 18.19
C ALA B 85 -8.39 21.29 17.42
N ALA B 86 -7.72 21.68 16.35
CA ALA B 86 -8.11 22.82 15.50
C ALA B 86 -9.54 22.68 14.95
N ASN B 87 -10.07 21.46 14.89
CA ASN B 87 -11.39 21.24 14.34
C ASN B 87 -12.48 21.12 15.42
N HIS B 88 -12.16 21.51 16.64
CA HIS B 88 -13.09 21.42 17.75
C HIS B 88 -13.03 22.74 18.51
N PRO B 89 -14.04 23.57 18.31
CA PRO B 89 -14.06 24.81 19.04
C PRO B 89 -13.89 24.68 20.55
N GLY B 90 -12.96 25.45 21.08
CA GLY B 90 -12.76 25.54 22.51
C GLY B 90 -11.75 24.55 23.06
N LYS B 91 -11.20 23.70 22.20
CA LYS B 91 -10.33 22.60 22.63
C LYS B 91 -8.90 22.83 22.19
N GLN B 92 -7.97 22.28 22.94
CA GLN B 92 -6.56 22.51 22.74
C GLN B 92 -5.83 21.20 22.46
N PRO B 93 -4.71 21.26 21.74
CA PRO B 93 -3.88 20.05 21.63
C PRO B 93 -3.62 19.41 22.99
N PHE B 94 -3.61 18.08 22.96
CA PHE B 94 -3.37 17.18 24.09
C PHE B 94 -4.50 17.06 25.09
N GLU B 95 -5.59 17.79 24.84
CA GLU B 95 -6.86 17.52 25.53
C GLU B 95 -7.55 16.30 24.92
N THR B 96 -8.44 15.70 25.72
CA THR B 96 -9.17 14.54 25.31
C THR B 96 -10.61 15.01 25.16
N ILE B 97 -11.32 14.46 24.21
CA ILE B 97 -12.77 14.71 24.09
C ILE B 97 -13.50 13.42 23.89
N GLU B 98 -14.81 13.42 24.18
CA GLU B 98 -15.63 12.22 24.05
C GLU B 98 -16.27 12.23 22.70
N LEU B 99 -16.08 11.15 21.95
CA LEU B 99 -16.68 11.02 20.64
C LEU B 99 -17.63 9.84 20.65
N ASP B 100 -18.31 9.60 19.53
CA ASP B 100 -19.23 8.48 19.42
C ASP B 100 -18.55 7.19 19.88
N TYR B 101 -17.25 7.09 19.57
CA TYR B 101 -16.54 5.82 19.85
C TYR B 101 -15.74 5.77 21.12
N GLY B 102 -15.89 6.81 21.93
CA GLY B 102 -15.11 6.91 23.17
C GLY B 102 -14.18 8.09 23.21
N SER B 103 -13.24 8.03 24.15
CA SER B 103 -12.29 9.09 24.35
C SER B 103 -11.34 9.23 23.17
N GLN B 104 -11.10 10.48 22.77
CA GLN B 104 -10.21 10.84 21.64
C GLN B 104 -9.24 11.91 22.10
N VAL B 105 -7.96 11.58 22.15
CA VAL B 105 -7.00 12.63 22.34
C VAL B 105 -6.89 13.56 21.15
N LEU B 106 -6.88 14.88 21.38
CA LEU B 106 -6.74 15.79 20.27
C LEU B 106 -5.31 16.29 20.07
N TRP B 107 -4.93 16.49 18.82
CA TRP B 107 -3.53 16.71 18.44
C TRP B 107 -3.33 18.00 17.68
N PRO B 108 -2.09 18.48 17.62
CA PRO B 108 -1.78 19.43 16.55
C PRO B 108 -2.13 18.83 15.21
N LYS B 109 -2.40 19.68 14.23
CA LYS B 109 -2.56 19.20 12.88
C LYS B 109 -1.30 18.47 12.46
N HIS B 110 -1.49 17.30 11.85
CA HIS B 110 -0.29 16.53 11.48
C HIS B 110 -0.57 15.57 10.37
N CYS B 111 0.47 15.28 9.57
CA CYS B 111 0.42 14.25 8.51
C CYS B 111 -0.85 14.46 7.64
N ILE B 112 -1.09 15.69 7.27
CA ILE B 112 -2.15 15.93 6.30
C ILE B 112 -1.81 15.45 4.87
N GLN B 113 -2.77 14.75 4.28
CA GLN B 113 -2.63 14.15 2.95
C GLN B 113 -1.97 15.03 1.93
N GLY B 114 -0.86 14.55 1.40
CA GLY B 114 -0.14 15.21 0.33
C GLY B 114 0.81 16.29 0.77
N THR B 115 0.98 16.49 2.08
CA THR B 115 1.84 17.56 2.56
C THR B 115 3.23 16.99 2.83
N HIS B 116 4.18 17.89 3.00
CA HIS B 116 5.53 17.48 3.48
C HIS B 116 5.50 16.70 4.83
N ASP B 117 4.68 17.17 5.75
CA ASP B 117 4.56 16.55 7.09
C ASP B 117 4.19 15.05 7.01
N ALA B 118 3.41 14.67 6.00
CA ALA B 118 2.98 13.32 5.81
C ALA B 118 3.99 12.38 5.17
N GLU B 119 4.99 12.90 4.47
CA GLU B 119 5.91 12.06 3.73
C GLU B 119 6.69 11.27 4.70
N PHE B 120 7.27 10.18 4.21
CA PHE B 120 8.21 9.44 4.97
C PHE B 120 9.46 10.25 5.24
N HIS B 121 10.08 9.97 6.39
CA HIS B 121 11.31 10.64 6.77
C HIS B 121 12.40 10.33 5.75
N PRO B 122 13.20 11.35 5.39
CA PRO B 122 14.09 11.19 4.24
C PRO B 122 15.17 10.12 4.57
N ASP B 123 15.40 9.87 5.85
CA ASP B 123 16.38 8.81 6.24
C ASP B 123 15.89 7.38 6.11
N LEU B 124 14.58 7.21 6.04
CA LEU B 124 13.97 5.90 5.85
C LEU B 124 14.36 5.39 4.50
N ASN B 125 14.85 4.17 4.50
CA ASN B 125 15.43 3.57 3.30
C ASN B 125 15.18 2.08 3.23
N ILE B 126 13.97 1.75 2.71
CA ILE B 126 13.48 0.38 2.57
C ILE B 126 12.94 0.22 1.16
N PRO B 127 13.85 0.10 0.20
CA PRO B 127 13.36 -0.12 -1.15
C PRO B 127 12.58 -1.41 -1.39
N THR B 128 12.74 -2.43 -0.54
CA THR B 128 12.03 -3.72 -0.67
C THR B 128 10.60 -3.76 -0.11
N ALA B 129 10.17 -2.65 0.49
CA ALA B 129 8.87 -2.60 1.10
C ALA B 129 7.83 -2.96 0.00
N GLN B 130 6.79 -3.72 0.33
CA GLN B 130 5.88 -4.29 -0.65
C GLN B 130 4.50 -3.67 -0.60
N LEU B 131 4.26 -2.93 0.48
CA LEU B 131 2.95 -2.31 0.71
C LEU B 131 3.09 -1.00 1.50
N ILE B 132 2.32 0.00 1.11
CA ILE B 132 2.17 1.15 1.93
C ILE B 132 0.69 1.31 2.20
N ILE B 133 0.31 1.16 3.45
N ILE B 133 0.35 1.15 3.46
CA ILE B 133 -1.10 1.25 3.85
CA ILE B 133 -1.00 1.40 3.90
C ILE B 133 -1.32 2.50 4.66
C ILE B 133 -1.07 2.75 4.57
N ARG B 134 -2.13 3.47 4.12
CA ARG B 134 -2.48 4.70 4.78
C ARG B 134 -3.68 4.50 5.75
N LYS B 135 -3.64 5.25 6.82
CA LYS B 135 -4.68 5.17 7.85
C LYS B 135 -5.08 6.58 8.33
N GLY B 136 -6.28 6.69 8.88
CA GLY B 136 -6.75 7.87 9.54
C GLY B 136 -7.38 8.75 8.48
N PHE B 137 -7.73 8.18 7.34
CA PHE B 137 -8.21 9.00 6.20
C PHE B 137 -9.71 9.30 6.27
N HIS B 138 -10.44 8.62 7.14
CA HIS B 138 -11.86 8.94 7.36
C HIS B 138 -11.98 10.22 8.22
N ALA B 139 -12.59 11.29 7.71
CA ALA B 139 -12.65 12.52 8.50
C ALA B 139 -13.13 12.32 9.92
N HIS B 140 -14.08 11.41 10.16
CA HIS B 140 -14.69 11.35 11.47
C HIS B 140 -14.23 10.19 12.37
N ILE B 141 -13.15 9.52 11.97
CA ILE B 141 -12.67 8.37 12.73
C ILE B 141 -11.13 8.36 12.69
N ASP B 142 -10.50 8.41 13.83
CA ASP B 142 -9.04 8.23 13.88
C ASP B 142 -8.69 6.76 13.67
N SER B 143 -7.39 6.50 13.48
CA SER B 143 -6.90 5.15 13.30
C SER B 143 -5.39 5.08 13.64
N TYR B 144 -5.04 5.19 14.91
CA TYR B 144 -3.65 4.89 15.34
C TYR B 144 -3.20 3.50 14.83
N SER B 145 -4.08 2.52 14.92
CA SER B 145 -3.79 1.16 14.47
C SER B 145 -3.82 0.98 12.96
N ALA B 146 -2.83 0.26 12.39
CA ALA B 146 -2.86 -0.11 10.95
C ALA B 146 -3.91 -1.21 10.60
N PHE B 147 -4.59 -1.78 11.61
CA PHE B 147 -5.44 -2.93 11.48
C PHE B 147 -6.94 -2.61 11.64
N MET B 148 -7.22 -1.75 12.60
N MET B 148 -7.26 -1.68 12.53
CA MET B 148 -8.62 -1.37 12.90
CA MET B 148 -8.67 -1.39 12.80
C MET B 148 -8.70 0.13 13.22
C MET B 148 -8.89 -0.01 13.44
N GLU B 149 -9.81 0.76 12.85
CA GLU B 149 -10.00 2.13 13.24
C GLU B 149 -10.48 2.28 14.69
N ALA B 150 -10.47 3.52 15.17
CA ALA B 150 -10.80 3.84 16.55
C ALA B 150 -12.28 3.54 16.89
N ASP B 151 -13.13 3.31 15.88
CA ASP B 151 -14.51 2.89 16.19
C ASP B 151 -14.58 1.44 16.61
N HIS B 152 -13.42 0.77 16.64
CA HIS B 152 -13.35 -0.63 17.04
C HIS B 152 -14.08 -1.52 16.02
N THR B 153 -14.47 -1.00 14.88
CA THR B 153 -15.27 -1.81 14.00
C THR B 153 -14.84 -1.78 12.55
N THR B 154 -14.42 -0.63 12.05
CA THR B 154 -13.97 -0.48 10.68
C THR B 154 -12.56 -1.14 10.51
N MET B 155 -12.52 -2.28 9.82
N MET B 155 -12.52 -2.31 9.89
CA MET B 155 -11.26 -3.03 9.58
CA MET B 155 -11.24 -2.98 9.63
C MET B 155 -10.52 -2.41 8.38
C MET B 155 -10.54 -2.19 8.51
N THR B 156 -9.21 -2.23 8.46
CA THR B 156 -8.53 -1.44 7.46
C THR B 156 -8.23 -2.19 6.15
N GLY B 157 -8.24 -3.53 6.21
CA GLY B 157 -7.87 -4.37 5.10
C GLY B 157 -6.57 -5.12 5.42
N LEU B 158 -5.86 -4.65 6.41
CA LEU B 158 -4.46 -5.25 6.65
C LEU B 158 -4.50 -6.70 7.02
N THR B 159 -5.42 -7.09 7.90
CA THR B 159 -5.51 -8.48 8.35
C THR B 159 -5.70 -9.39 7.15
N GLY B 160 -6.66 -9.05 6.32
CA GLY B 160 -6.95 -9.77 5.08
C GLY B 160 -5.76 -9.93 4.12
N TYR B 161 -5.00 -8.87 3.99
CA TYR B 161 -3.85 -8.82 3.11
C TYR B 161 -2.80 -9.82 3.64
N LEU B 162 -2.50 -9.67 4.93
CA LEU B 162 -1.37 -10.50 5.52
C LEU B 162 -1.72 -12.02 5.47
N LYS B 163 -2.94 -12.35 5.86
CA LYS B 163 -3.44 -13.74 5.87
C LYS B 163 -3.39 -14.32 4.47
N GLU B 164 -3.75 -13.52 3.48
CA GLU B 164 -3.76 -13.99 2.12
C GLU B 164 -2.35 -14.29 1.68
N ARG B 165 -1.41 -13.47 2.13
CA ARG B 165 -0.01 -13.75 1.88
C ARG B 165 0.59 -14.80 2.71
N GLY B 166 -0.14 -15.42 3.62
CA GLY B 166 0.52 -16.53 4.39
C GLY B 166 1.29 -16.05 5.59
N ILE B 167 1.05 -14.79 5.99
N ILE B 167 1.01 -14.83 6.04
CA ILE B 167 1.72 -14.20 7.17
CA ILE B 167 1.78 -14.21 7.11
C ILE B 167 1.00 -14.50 8.46
C ILE B 167 1.06 -14.37 8.46
N ASP B 168 1.73 -15.00 9.45
CA ASP B 168 1.11 -15.28 10.76
C ASP B 168 1.79 -14.62 11.95
N THR B 169 2.87 -13.93 11.68
CA THR B 169 3.72 -13.33 12.64
C THR B 169 4.06 -11.92 12.20
N VAL B 170 3.84 -10.98 13.11
CA VAL B 170 4.04 -9.54 12.87
C VAL B 170 5.00 -8.96 13.89
N TYR B 171 6.10 -8.34 13.43
CA TYR B 171 6.95 -7.52 14.26
C TYR B 171 6.66 -6.03 14.00
N VAL B 172 6.54 -5.23 15.06
CA VAL B 172 6.08 -3.86 14.88
C VAL B 172 7.20 -2.93 15.35
N VAL B 173 7.52 -1.95 14.50
CA VAL B 173 8.48 -0.90 14.83
C VAL B 173 7.89 0.47 14.46
N GLY B 174 8.55 1.53 14.93
CA GLY B 174 8.11 2.91 14.57
C GLY B 174 7.66 3.84 15.63
N ILE B 175 6.60 4.65 15.30
CA ILE B 175 6.37 5.81 16.11
C ILE B 175 4.84 6.04 16.11
N ALA B 176 4.24 6.37 17.23
CA ALA B 176 4.77 6.36 18.58
C ALA B 176 4.49 5.01 19.28
N THR B 177 5.47 4.57 20.10
CA THR B 177 5.35 3.34 20.88
C THR B 177 4.03 3.13 21.52
N ASP B 178 3.56 4.19 22.16
CA ASP B 178 2.35 4.18 23.01
C ASP B 178 1.03 4.56 22.33
N PHE B 179 1.12 4.86 21.06
CA PHE B 179 -0.09 5.08 20.27
C PHE B 179 -0.18 4.18 19.04
N CYS B 180 0.41 4.52 17.89
CA CYS B 180 0.19 3.78 16.73
C CYS B 180 0.90 2.42 16.80
N VAL B 181 2.02 2.41 17.47
CA VAL B 181 2.69 1.09 17.58
C VAL B 181 1.92 0.21 18.50
N ALA B 182 1.55 0.69 19.69
CA ALA B 182 0.81 -0.11 20.65
C ALA B 182 -0.53 -0.57 20.13
N TRP B 183 -1.32 0.32 19.54
N TRP B 183 -1.36 0.33 19.58
CA TRP B 183 -2.58 -0.11 19.04
CA TRP B 183 -2.65 -0.08 19.01
C TRP B 183 -2.55 -1.10 17.84
C TRP B 183 -2.53 -1.12 17.86
N THR B 184 -1.55 -0.93 16.95
CA THR B 184 -1.29 -1.83 15.83
C THR B 184 -0.95 -3.22 16.42
N ALA B 185 -0.04 -3.24 17.40
CA ALA B 185 0.38 -4.50 18.02
C ALA B 185 -0.79 -5.22 18.71
N LEU B 186 -1.62 -4.48 19.43
CA LEU B 186 -2.70 -5.03 20.23
C LEU B 186 -3.82 -5.52 19.25
N ASP B 187 -4.06 -4.79 18.15
CA ASP B 187 -4.98 -5.29 17.16
C ASP B 187 -4.43 -6.51 16.44
N ALA B 188 -3.12 -6.59 16.24
CA ALA B 188 -2.56 -7.75 15.57
C ALA B 188 -2.83 -9.03 16.41
N VAL B 189 -2.58 -8.93 17.70
CA VAL B 189 -2.99 -9.97 18.66
C VAL B 189 -4.44 -10.34 18.60
N LYS B 190 -5.31 -9.34 18.60
CA LYS B 190 -6.70 -9.64 18.52
C LYS B 190 -7.04 -10.43 17.28
N GLN B 191 -6.38 -10.10 16.17
CA GLN B 191 -6.69 -10.71 14.90
C GLN B 191 -5.99 -12.03 14.66
N GLY B 192 -5.19 -12.48 15.61
CA GLY B 192 -4.72 -13.81 15.56
C GLY B 192 -3.25 -13.97 15.20
N PHE B 193 -2.54 -12.86 15.08
CA PHE B 193 -1.15 -12.87 14.74
C PHE B 193 -0.27 -13.05 15.97
N LYS B 194 0.77 -13.84 15.85
CA LYS B 194 1.88 -13.72 16.79
C LYS B 194 2.50 -12.35 16.63
N THR B 195 2.50 -11.56 17.72
CA THR B 195 2.98 -10.21 17.68
C THR B 195 4.08 -9.84 18.59
N LEU B 196 5.10 -9.20 18.01
CA LEU B 196 6.21 -8.69 18.70
C LEU B 196 6.52 -7.27 18.41
N VAL B 197 6.96 -6.54 19.45
CA VAL B 197 7.40 -5.15 19.33
C VAL B 197 8.91 -5.04 19.60
N ILE B 198 9.63 -4.38 18.70
CA ILE B 198 11.09 -4.30 18.78
C ILE B 198 11.42 -2.97 19.41
N GLU B 199 11.55 -2.99 20.71
CA GLU B 199 11.55 -1.79 21.54
C GLU B 199 12.52 -0.70 21.12
N ASP B 200 13.79 -1.03 20.90
CA ASP B 200 14.75 -0.02 20.50
C ASP B 200 14.54 0.52 19.08
N ALA B 201 13.55 0.01 18.34
CA ALA B 201 13.24 0.53 16.98
C ALA B 201 11.90 1.26 17.08
N CYS B 202 11.56 1.65 18.29
CA CYS B 202 10.39 2.49 18.60
C CYS B 202 10.70 3.76 19.42
N LYS B 203 9.84 4.80 19.34
CA LYS B 203 10.01 5.91 20.20
C LYS B 203 8.62 6.43 20.61
N GLY B 204 8.49 6.71 21.91
CA GLY B 204 7.26 7.14 22.55
C GLY B 204 7.08 8.61 22.90
N ILE B 205 5.82 8.97 23.11
CA ILE B 205 5.42 10.31 23.56
C ILE B 205 5.22 10.47 25.07
N ASP B 206 4.60 9.47 25.69
CA ASP B 206 4.32 9.44 27.13
C ASP B 206 3.45 10.61 27.63
N LEU B 207 2.17 10.64 27.21
CA LEU B 207 1.21 11.66 27.66
C LEU B 207 0.49 11.07 28.87
N ASN B 208 0.55 11.76 30.01
CA ASN B 208 -0.14 11.29 31.22
C ASN B 208 0.09 9.80 31.47
N GLY B 209 1.34 9.40 31.39
CA GLY B 209 1.75 8.03 31.73
C GLY B 209 1.43 6.96 30.69
N SER B 210 1.24 7.36 29.44
CA SER B 210 0.77 6.46 28.44
C SER B 210 1.82 5.41 28.10
N LEU B 211 3.08 5.74 28.30
CA LEU B 211 4.12 4.87 27.77
C LEU B 211 4.28 3.59 28.58
N GLU B 212 4.33 3.71 29.89
CA GLU B 212 4.37 2.53 30.73
C GLU B 212 3.06 1.73 30.65
N GLN B 213 1.92 2.41 30.54
CA GLN B 213 0.67 1.71 30.43
C GLN B 213 0.59 0.93 29.15
N ALA B 214 1.12 1.48 28.05
CA ALA B 214 1.09 0.82 26.79
C ALA B 214 1.90 -0.47 26.93
N TRP B 215 3.05 -0.37 27.57
CA TRP B 215 3.95 -1.59 27.70
C TRP B 215 3.21 -2.66 28.55
N GLN B 216 2.57 -2.21 29.62
CA GLN B 216 1.81 -3.15 30.49
C GLN B 216 0.67 -3.80 29.72
N THR B 217 -0.21 -3.03 29.08
CA THR B 217 -1.25 -3.63 28.30
C THR B 217 -0.75 -4.60 27.22
N MET B 218 0.30 -4.20 26.48
CA MET B 218 0.80 -5.04 25.43
C MET B 218 1.27 -6.34 26.06
N GLN B 219 2.00 -6.23 27.16
N GLN B 219 1.97 -6.25 27.17
CA GLN B 219 2.55 -7.41 27.87
CA GLN B 219 2.55 -7.46 27.76
C GLN B 219 1.40 -8.36 28.23
C GLN B 219 1.44 -8.38 28.32
N GLN B 220 0.36 -7.80 28.85
CA GLN B 220 -0.78 -8.56 29.33
C GLN B 220 -1.47 -9.31 28.21
N GLN B 221 -1.48 -8.72 27.00
CA GLN B 221 -2.18 -9.28 25.88
C GLN B 221 -1.31 -10.18 25.06
N GLY B 222 -0.05 -10.38 25.49
CA GLY B 222 0.82 -11.39 24.85
C GLY B 222 1.71 -10.88 23.69
N VAL B 223 1.76 -9.56 23.51
CA VAL B 223 2.76 -8.96 22.64
C VAL B 223 4.14 -9.22 23.24
N VAL B 224 5.03 -9.73 22.43
CA VAL B 224 6.40 -9.95 22.92
C VAL B 224 7.28 -8.69 22.77
N ARG B 225 7.85 -8.24 23.89
CA ARG B 225 8.79 -7.11 23.89
C ARG B 225 10.21 -7.63 23.61
N ILE B 226 10.76 -7.33 22.43
CA ILE B 226 12.12 -7.71 22.08
C ILE B 226 13.04 -6.54 21.69
N GLN B 227 14.36 -6.81 21.62
CA GLN B 227 15.32 -5.81 21.13
C GLN B 227 15.86 -6.19 19.76
N SER B 228 16.37 -5.20 19.03
CA SER B 228 16.83 -5.42 17.67
C SER B 228 17.90 -6.51 17.69
N THR B 229 18.67 -6.55 18.77
CA THR B 229 19.84 -7.49 18.83
C THR B 229 19.37 -8.93 18.88
N ASP B 230 18.12 -9.14 19.29
CA ASP B 230 17.55 -10.48 19.31
C ASP B 230 17.36 -11.01 17.89
N LEU B 231 17.04 -10.13 16.92
CA LEU B 231 16.92 -10.58 15.53
C LEU B 231 18.21 -10.52 14.71
N LEU B 232 19.04 -9.51 14.97
CA LEU B 232 20.16 -9.21 14.09
C LEU B 232 21.30 -10.18 14.40
N ASN B 233 21.29 -10.73 15.62
CA ASN B 233 22.31 -11.69 16.05
C ASN B 233 21.68 -12.94 16.65
ZN ZN C . 7.03 -5.23 -15.17
C1 GOL D . 0.87 8.38 -4.22
C1 GOL D . -0.08 10.80 -5.99
O1 GOL D . 1.97 9.03 -3.62
O1 GOL D . 0.91 10.63 -6.97
C2 GOL D . -0.28 9.34 -4.66
C2 GOL D . -0.05 9.64 -5.01
O2 GOL D . -1.33 9.29 -3.72
O2 GOL D . 1.22 9.01 -5.20
C3 GOL D . 0.22 10.77 -4.94
C3 GOL D . -0.11 10.07 -3.53
O3 GOL D . -0.88 11.65 -5.23
O3 GOL D . -1.33 9.95 -2.78
C1 GOL E . -1.51 -14.49 -30.55
O1 GOL E . -1.78 -15.90 -30.43
C2 GOL E . -2.62 -13.59 -29.99
O2 GOL E . -2.24 -12.24 -30.03
C3 GOL E . -3.00 -13.88 -28.53
O3 GOL E . -4.11 -14.74 -28.38
N NIO F . 5.67 -4.91 -16.84
C1 NIO F . 4.56 -4.28 -16.52
C2 NIO F . 3.70 -3.87 -17.52
C3 NIO F . 4.01 -4.10 -18.85
C4 NIO F . 5.18 -4.76 -19.15
C5 NIO F . 6.00 -5.17 -18.10
C6 NIO F . 2.41 -3.12 -17.22
O1 NIO F . 1.42 -3.41 -17.89
O2 NIO F . 2.43 -2.26 -16.31
ZN ZN G . -2.90 10.92 13.60
C1 GOL H . 11.49 5.85 0.82
O1 GOL H . 10.81 6.89 1.46
C2 GOL H . 11.59 4.64 1.75
O2 GOL H . 12.35 3.61 1.11
C3 GOL H . 10.19 4.19 2.17
O3 GOL H . 9.33 4.01 1.06
C1 GOL I . 12.64 5.96 24.56
O1 GOL I . 13.50 5.14 23.80
C2 GOL I . 11.18 5.47 24.51
O2 GOL I . 10.41 6.60 24.23
C3 GOL I . 11.01 4.38 23.44
O3 GOL I . 9.74 3.75 23.34
C1 GOL J . 7.20 6.86 -0.77
O1 GOL J . 7.95 5.62 -0.63
C2 GOL J . 5.68 6.61 -0.75
O2 GOL J . 5.08 6.52 -2.04
C3 GOL J . 4.87 7.69 -0.02
O3 GOL J . 3.60 7.21 0.37
N NIO K . -1.55 10.27 15.23
C1 NIO K . -0.70 9.26 15.11
C2 NIO K . 0.16 8.97 16.16
C3 NIO K . 0.17 9.73 17.33
C4 NIO K . -0.74 10.77 17.42
C5 NIO K . -1.59 11.01 16.33
C6 NIO K . 1.15 7.84 16.03
O1 NIO K . 1.28 7.13 17.03
O2 NIO K . 1.78 7.71 14.94
#